data_3E3U
#
_entry.id   3E3U
#
_cell.length_a   100.870
_cell.length_b   54.765
_cell.length_c   40.215
_cell.angle_alpha   90.00
_cell.angle_beta   94.39
_cell.angle_gamma   90.00
#
_symmetry.space_group_name_H-M   'C 1 2 1'
#
loop_
_entity.id
_entity.type
_entity.pdbx_description
1 polymer 'Peptide deformylase'
2 non-polymer 'NICKEL (II) ION'
3 non-polymer N-[(2R)-2-{[(2S)-2-(1,3-benzoxazol-2-yl)pyrrolidin-1-yl]carbonyl}hexyl]-N-hydroxyformamide
4 water water
#
_entity_poly.entity_id   1
_entity_poly.type   'polypeptide(L)'
_entity_poly.pdbx_seq_one_letter_code
;MAVVPIRIVGDPVLHTATTPVTVAADGSLPADLAQLIATMYDTMDAANGVGLAANQIGCSLRLFVYDCAADRAMTARRRG
VVINPVLETSEIPETMPDPDTDDEGCLSVPGESFPTGRAKWARVTGLDADGSPVSIEGTGLFARMLQHETGHLDGFLYLD
RLIGRYARNAKRAVKSHGWGVPGLSWLPGEDPDPFGH
;
_entity_poly.pdbx_strand_id   A
#
# COMPACT_ATOMS: atom_id res chain seq x y z
N ALA A 2 -2.24 15.34 -9.54
CA ALA A 2 -2.06 16.25 -8.37
C ALA A 2 -1.46 15.53 -7.18
N VAL A 3 -0.80 16.29 -6.30
CA VAL A 3 -0.39 15.78 -5.00
C VAL A 3 -1.50 16.10 -4.00
N VAL A 4 -2.04 15.05 -3.40
CA VAL A 4 -3.18 15.18 -2.48
C VAL A 4 -2.88 14.57 -1.11
N PRO A 5 -3.70 14.91 -0.08
CA PRO A 5 -3.43 14.37 1.24
C PRO A 5 -3.48 12.85 1.34
N ILE A 6 -2.63 12.32 2.22
CA ILE A 6 -2.65 10.92 2.58
C ILE A 6 -3.35 10.76 3.94
N ARG A 7 -4.37 9.91 3.95
CA ARG A 7 -5.17 9.70 5.15
C ARG A 7 -4.38 8.90 6.18
N ILE A 8 -4.61 9.22 7.44
CA ILE A 8 -3.91 8.61 8.58
C ILE A 8 -4.83 7.62 9.31
N VAL A 9 -4.22 6.52 9.77
CA VAL A 9 -4.91 5.52 10.60
C VAL A 9 -5.99 6.11 11.51
N GLY A 10 -7.20 5.56 11.37
CA GLY A 10 -8.38 6.10 12.03
C GLY A 10 -9.44 6.53 11.02
N ASP A 11 -9.00 6.88 9.81
CA ASP A 11 -9.91 7.26 8.74
C ASP A 11 -10.63 6.01 8.24
N PRO A 12 -11.98 5.99 8.30
CA PRO A 12 -12.75 4.81 7.87
C PRO A 12 -12.39 4.24 6.47
N VAL A 13 -11.98 5.11 5.55
CA VAL A 13 -11.66 4.67 4.19
C VAL A 13 -10.46 3.73 4.19
N LEU A 14 -9.63 3.80 5.23
CA LEU A 14 -8.49 2.87 5.32
C LEU A 14 -8.88 1.52 5.87
N HIS A 15 -10.01 1.44 6.58
CA HIS A 15 -10.33 0.27 7.39
C HIS A 15 -11.51 -0.53 6.86
N THR A 16 -11.89 -0.26 5.63
CA THR A 16 -12.88 -1.10 4.97
C THR A 16 -12.43 -1.46 3.55
N ALA A 17 -12.88 -2.60 3.06
CA ALA A 17 -12.46 -3.09 1.74
C ALA A 17 -12.89 -2.13 0.67
N THR A 18 -12.01 -1.93 -0.31
CA THR A 18 -12.31 -1.10 -1.48
C THR A 18 -13.30 -1.77 -2.44
N THR A 19 -13.92 -0.95 -3.27
CA THR A 19 -14.79 -1.43 -4.33
C THR A 19 -13.96 -1.65 -5.60
N PRO A 20 -14.14 -2.80 -6.27
CA PRO A 20 -13.42 -3.00 -7.54
C PRO A 20 -13.64 -1.88 -8.56
N VAL A 21 -12.62 -1.62 -9.38
CA VAL A 21 -12.77 -0.69 -10.48
C VAL A 21 -13.70 -1.31 -11.52
N THR A 22 -14.60 -0.51 -12.07
CA THR A 22 -15.45 -0.97 -13.16
C THR A 22 -14.64 -1.43 -14.39
N VAL A 23 -14.99 -2.60 -14.90
CA VAL A 23 -14.50 -3.04 -16.21
C VAL A 23 -15.77 -3.48 -16.94
N ALA A 24 -16.01 -2.89 -18.10
CA ALA A 24 -17.23 -3.20 -18.86
C ALA A 24 -17.04 -4.56 -19.52
N ALA A 25 -18.13 -5.12 -20.03
CA ALA A 25 -18.07 -6.41 -20.72
C ALA A 25 -17.08 -6.39 -21.88
N ASP A 26 -16.98 -5.24 -22.54
CA ASP A 26 -16.09 -5.12 -23.69
C ASP A 26 -14.63 -4.85 -23.31
N GLY A 27 -14.34 -4.83 -22.02
CA GLY A 27 -12.98 -4.64 -21.55
C GLY A 27 -12.63 -3.22 -21.14
N SER A 28 -13.53 -2.28 -21.39
CA SER A 28 -13.22 -0.89 -21.16
C SER A 28 -13.20 -0.48 -19.68
N LEU A 29 -12.20 0.34 -19.36
CA LEU A 29 -12.11 0.97 -18.05
C LEU A 29 -12.75 2.34 -18.08
N PRO A 30 -13.05 2.87 -16.91
CA PRO A 30 -13.56 4.23 -16.79
C PRO A 30 -12.62 5.24 -17.40
N ALA A 31 -13.19 6.09 -18.24
CA ALA A 31 -12.46 7.08 -19.02
C ALA A 31 -11.72 8.05 -18.11
N ASP A 32 -12.26 8.31 -16.92
CA ASP A 32 -11.63 9.25 -15.99
C ASP A 32 -10.66 8.57 -15.02
N LEU A 33 -10.44 7.26 -15.19
CA LEU A 33 -9.47 6.55 -14.35
C LEU A 33 -8.04 7.10 -14.49
N ALA A 34 -7.66 7.49 -15.70
CA ALA A 34 -6.30 8.01 -15.95
C ALA A 34 -5.92 9.15 -15.00
N GLN A 35 -6.87 10.04 -14.73
CA GLN A 35 -6.59 11.17 -13.86
C GLN A 35 -6.36 10.75 -12.42
N LEU A 36 -7.14 9.78 -11.95
CA LEU A 36 -6.94 9.23 -10.61
C LEU A 36 -5.58 8.56 -10.52
N ILE A 37 -5.23 7.75 -11.52
CA ILE A 37 -3.92 7.08 -11.55
C ILE A 37 -2.78 8.10 -11.49
N ALA A 38 -2.91 9.18 -12.27
CA ALA A 38 -1.87 10.22 -12.33
C ALA A 38 -1.68 10.84 -10.94
N THR A 39 -2.79 11.11 -10.24
CA THR A 39 -2.73 11.63 -8.89
C THR A 39 -2.08 10.65 -7.91
N MET A 40 -2.38 9.36 -8.08
CA MET A 40 -1.75 8.35 -7.24
C MET A 40 -0.21 8.32 -7.43
N TYR A 41 0.23 8.32 -8.70
CA TYR A 41 1.68 8.41 -8.97
C TYR A 41 2.27 9.70 -8.36
N ASP A 42 1.62 10.84 -8.60
CA ASP A 42 2.19 12.13 -8.14
C ASP A 42 2.33 12.14 -6.62
N THR A 43 1.30 11.59 -5.96
CA THR A 43 1.26 11.59 -4.51
C THR A 43 2.29 10.59 -3.93
N MET A 44 2.35 9.40 -4.53
CA MET A 44 3.36 8.42 -4.11
C MET A 44 4.77 9.03 -4.20
N ASP A 45 5.02 9.69 -5.33
CA ASP A 45 6.33 10.31 -5.61
C ASP A 45 6.62 11.40 -4.58
N ALA A 46 5.69 12.33 -4.41
CA ALA A 46 5.89 13.41 -3.43
C ALA A 46 6.13 12.89 -1.99
N ALA A 47 5.52 11.73 -1.67
CA ALA A 47 5.62 11.09 -0.36
C ALA A 47 6.82 10.16 -0.24
N ASN A 48 7.62 10.06 -1.29
CA ASN A 48 8.79 9.20 -1.29
C ASN A 48 8.44 7.74 -1.00
N GLY A 49 7.31 7.34 -1.56
CA GLY A 49 6.82 5.97 -1.41
C GLY A 49 7.32 5.00 -2.47
N VAL A 50 7.29 3.71 -2.14
CA VAL A 50 7.51 2.63 -3.13
C VAL A 50 6.21 2.01 -3.60
N GLY A 51 5.11 2.46 -3.00
CA GLY A 51 3.76 1.98 -3.33
C GLY A 51 2.76 2.99 -2.79
N LEU A 52 1.53 2.95 -3.32
CA LEU A 52 0.42 3.75 -2.79
C LEU A 52 -0.88 3.09 -3.24
N ALA A 53 -1.79 2.86 -2.28
CA ALA A 53 -3.12 2.28 -2.57
C ALA A 53 -4.16 3.38 -2.65
N ALA A 54 -5.17 3.22 -3.52
CA ALA A 54 -6.12 4.31 -3.76
C ALA A 54 -6.82 4.80 -2.48
N ASN A 55 -7.12 3.89 -1.55
CA ASN A 55 -7.82 4.32 -0.33
C ASN A 55 -6.96 5.19 0.60
N GLN A 56 -5.65 5.17 0.40
CA GLN A 56 -4.77 6.07 1.16
C GLN A 56 -4.98 7.54 0.80
N ILE A 57 -5.54 7.80 -0.38
CA ILE A 57 -5.87 9.18 -0.77
C ILE A 57 -7.39 9.45 -0.71
N GLY A 58 -8.11 8.54 -0.05
CA GLY A 58 -9.52 8.71 0.24
C GLY A 58 -10.43 8.17 -0.83
N CYS A 59 -9.87 7.40 -1.75
CA CYS A 59 -10.60 6.80 -2.87
C CYS A 59 -10.76 5.29 -2.67
N SER A 60 -11.98 4.84 -2.43
CA SER A 60 -12.24 3.45 -2.05
C SER A 60 -12.41 2.59 -3.31
N LEU A 61 -11.36 2.58 -4.14
CA LEU A 61 -11.33 1.76 -5.36
C LEU A 61 -10.14 0.81 -5.35
N ARG A 62 -10.31 -0.36 -5.97
CA ARG A 62 -9.32 -1.42 -5.85
C ARG A 62 -8.19 -1.29 -6.87
N LEU A 63 -7.25 -0.41 -6.56
CA LEU A 63 -6.04 -0.28 -7.39
C LEU A 63 -4.91 0.30 -6.60
N PHE A 64 -3.69 -0.01 -7.03
CA PHE A 64 -2.52 0.62 -6.41
C PHE A 64 -1.47 0.94 -7.46
N VAL A 65 -0.62 1.92 -7.13
CA VAL A 65 0.54 2.18 -7.96
C VAL A 65 1.78 1.80 -7.17
N TYR A 66 2.90 1.66 -7.88
CA TYR A 66 4.12 1.31 -7.20
C TYR A 66 5.34 1.77 -8.00
N ASP A 67 6.46 1.91 -7.29
CA ASP A 67 7.76 2.15 -7.91
C ASP A 67 8.79 1.57 -6.98
N CYS A 68 9.19 0.33 -7.27
CA CYS A 68 9.88 -0.50 -6.27
C CYS A 68 10.80 -1.46 -7.02
N ALA A 69 12.10 -1.25 -6.93
CA ALA A 69 13.06 -1.98 -7.76
C ALA A 69 13.53 -3.31 -7.16
N ALA A 70 13.94 -3.27 -5.89
CA ALA A 70 14.63 -4.40 -5.29
C ALA A 70 13.79 -5.66 -5.20
N ASP A 71 14.43 -6.77 -5.57
CA ASP A 71 13.89 -8.12 -5.40
C ASP A 71 12.73 -8.47 -6.35
N ARG A 72 12.33 -7.55 -7.24
CA ARG A 72 11.28 -7.88 -8.21
C ARG A 72 11.79 -8.87 -9.25
N ALA A 73 10.89 -9.70 -9.79
CA ALA A 73 11.23 -10.54 -10.92
C ALA A 73 11.65 -9.63 -12.07
N MET A 74 12.63 -10.03 -12.86
CA MET A 74 13.07 -9.17 -13.96
C MET A 74 12.01 -8.98 -15.08
N THR A 75 10.94 -9.79 -15.04
CA THR A 75 9.78 -9.61 -15.91
C THR A 75 8.79 -8.55 -15.41
N ALA A 76 9.03 -8.02 -14.20
CA ALA A 76 8.15 -6.99 -13.67
C ALA A 76 8.69 -5.59 -13.92
N ARG A 77 7.85 -4.69 -14.45
CA ARG A 77 8.25 -3.27 -14.51
C ARG A 77 8.56 -2.73 -13.11
N ARG A 78 9.52 -1.80 -13.04
CA ARG A 78 9.89 -1.16 -11.77
C ARG A 78 8.76 -0.29 -11.24
N ARG A 79 8.01 0.31 -12.16
CA ARG A 79 7.01 1.32 -11.79
C ARG A 79 5.77 0.99 -12.58
N GLY A 80 4.63 0.98 -11.89
CA GLY A 80 3.41 0.61 -12.58
C GLY A 80 2.17 0.74 -11.74
N VAL A 81 1.08 0.20 -12.27
CA VAL A 81 -0.23 0.24 -11.63
C VAL A 81 -0.90 -1.11 -11.81
N VAL A 82 -1.65 -1.53 -10.80
CA VAL A 82 -2.48 -2.72 -10.96
C VAL A 82 -3.90 -2.40 -10.54
N ILE A 83 -4.81 -2.64 -11.49
CA ILE A 83 -6.24 -2.44 -11.31
C ILE A 83 -6.87 -3.80 -10.96
N ASN A 84 -7.71 -3.80 -9.92
CA ASN A 84 -8.34 -5.02 -9.41
C ASN A 84 -7.33 -6.16 -9.11
N PRO A 85 -6.29 -5.87 -8.32
CA PRO A 85 -5.27 -6.85 -7.98
C PRO A 85 -5.80 -8.04 -7.21
N VAL A 86 -5.28 -9.22 -7.55
CA VAL A 86 -5.50 -10.45 -6.81
C VAL A 86 -4.14 -10.94 -6.33
N LEU A 87 -4.00 -11.16 -5.03
CA LEU A 87 -2.71 -11.45 -4.40
C LEU A 87 -2.51 -12.95 -4.15
N GLU A 88 -1.38 -13.46 -4.60
CA GLU A 88 -0.91 -14.79 -4.25
C GLU A 88 0.38 -14.66 -3.44
N THR A 89 0.55 -15.49 -2.41
CA THR A 89 1.80 -15.50 -1.66
C THR A 89 2.32 -16.91 -1.44
N SER A 90 3.59 -16.99 -1.08
CA SER A 90 4.08 -18.15 -0.36
C SER A 90 3.63 -18.19 1.09
N GLU A 91 4.22 -19.09 1.86
CA GLU A 91 3.78 -19.30 3.24
C GLU A 91 4.03 -18.05 4.09
N ILE A 92 2.95 -17.55 4.70
CA ILE A 92 3.05 -16.41 5.58
C ILE A 92 3.44 -16.89 6.96
N PRO A 93 4.59 -16.42 7.42
CA PRO A 93 5.21 -16.97 8.62
C PRO A 93 4.51 -16.52 9.87
N GLU A 94 4.47 -17.41 10.84
CA GLU A 94 3.88 -17.09 12.13
C GLU A 94 4.96 -16.99 13.20
N THR A 95 6.21 -17.25 12.85
CA THR A 95 7.33 -17.01 13.74
C THR A 95 7.49 -15.49 14.00
N MET A 96 8.15 -15.12 15.09
CA MET A 96 8.35 -13.72 15.42
C MET A 96 9.23 -13.09 14.33
N PRO A 97 8.79 -11.96 13.79
CA PRO A 97 9.62 -11.24 12.80
C PRO A 97 10.98 -10.84 13.36
N ASP A 98 11.94 -10.67 12.44
CA ASP A 98 13.31 -10.33 12.75
C ASP A 98 13.43 -8.80 12.74
N PRO A 99 13.86 -8.21 13.87
CA PRO A 99 13.96 -6.74 13.91
C PRO A 99 14.96 -6.19 12.90
N ASP A 100 15.93 -7.01 12.49
CA ASP A 100 16.97 -6.52 11.58
C ASP A 100 16.65 -6.66 10.09
N THR A 101 15.60 -7.40 9.75
CA THR A 101 15.23 -7.57 8.34
C THR A 101 13.76 -7.29 8.02
N ASP A 102 12.88 -7.35 9.03
CA ASP A 102 11.44 -7.31 8.78
C ASP A 102 10.76 -5.95 8.99
N ASP A 103 11.55 -4.90 9.21
CA ASP A 103 10.93 -3.61 9.54
C ASP A 103 10.10 -3.13 8.35
N GLU A 104 8.94 -2.55 8.66
CA GLU A 104 7.99 -2.10 7.63
C GLU A 104 7.24 -0.89 8.17
N GLY A 105 6.96 0.06 7.29
CA GLY A 105 6.14 1.22 7.63
C GLY A 105 5.08 1.50 6.58
N CYS A 106 4.35 2.58 6.80
CA CYS A 106 3.22 2.95 5.95
C CYS A 106 3.06 4.46 5.99
N LEU A 107 2.79 5.03 4.83
CA LEU A 107 2.55 6.47 4.78
C LEU A 107 1.28 6.88 5.51
N SER A 108 0.37 5.94 5.76
CA SER A 108 -0.84 6.24 6.56
C SER A 108 -0.60 6.08 8.06
N VAL A 109 0.64 5.70 8.42
CA VAL A 109 1.07 5.62 9.84
C VAL A 109 2.43 6.34 9.87
N PRO A 110 2.42 7.65 9.55
CA PRO A 110 3.68 8.32 9.22
C PRO A 110 4.67 8.43 10.36
N GLY A 111 5.94 8.17 10.06
CA GLY A 111 7.02 8.35 11.04
C GLY A 111 7.23 7.13 11.92
N GLU A 112 6.52 6.05 11.63
CA GLU A 112 6.67 4.81 12.40
C GLU A 112 7.05 3.62 11.50
N SER A 113 7.63 2.59 12.12
CA SER A 113 7.83 1.31 11.45
C SER A 113 7.97 0.25 12.53
N PHE A 114 7.59 -0.98 12.20
CA PHE A 114 7.70 -2.10 13.12
C PHE A 114 8.01 -3.37 12.36
N PRO A 115 8.77 -4.28 12.98
CA PRO A 115 8.98 -5.57 12.32
C PRO A 115 7.66 -6.31 12.05
N THR A 116 7.46 -6.67 10.77
CA THR A 116 6.20 -7.21 10.29
C THR A 116 6.45 -8.49 9.51
N GLY A 117 5.72 -9.56 9.87
CA GLY A 117 5.88 -10.85 9.18
C GLY A 117 5.21 -10.83 7.82
N ARG A 118 5.95 -11.25 6.79
CA ARG A 118 5.44 -11.29 5.43
C ARG A 118 5.90 -12.58 4.73
N ALA A 119 5.13 -13.01 3.73
CA ALA A 119 5.61 -14.10 2.88
C ALA A 119 6.84 -13.63 2.10
N LYS A 120 7.75 -14.56 1.87
CA LYS A 120 8.98 -14.30 1.14
C LYS A 120 8.75 -14.00 -0.34
N TRP A 121 7.72 -14.60 -0.91
CA TRP A 121 7.40 -14.42 -2.32
C TRP A 121 5.94 -14.04 -2.46
N ALA A 122 5.66 -13.16 -3.42
CA ALA A 122 4.28 -12.81 -3.75
C ALA A 122 4.12 -12.44 -5.21
N ARG A 123 2.90 -12.63 -5.70
CA ARG A 123 2.52 -12.24 -7.05
C ARG A 123 1.18 -11.51 -7.00
N VAL A 124 1.04 -10.47 -7.83
CA VAL A 124 -0.24 -9.82 -8.00
C VAL A 124 -0.60 -9.90 -9.46
N THR A 125 -1.86 -10.26 -9.76
CA THR A 125 -2.35 -10.21 -11.13
C THR A 125 -3.55 -9.25 -11.16
N GLY A 126 -3.80 -8.67 -12.32
CA GLY A 126 -4.92 -7.74 -12.48
C GLY A 126 -4.84 -7.17 -13.87
N LEU A 127 -5.25 -5.91 -14.00
CA LEU A 127 -5.17 -5.20 -15.28
C LEU A 127 -4.23 -4.00 -15.16
N ASP A 128 -3.54 -3.66 -16.25
CA ASP A 128 -2.80 -2.39 -16.29
C ASP A 128 -3.70 -1.24 -16.76
N ALA A 129 -3.13 -0.03 -16.88
CA ALA A 129 -3.94 1.15 -17.24
C ALA A 129 -4.64 1.04 -18.60
N ASP A 130 -4.10 0.17 -19.46
CA ASP A 130 -4.63 -0.08 -20.80
C ASP A 130 -5.71 -1.16 -20.80
N GLY A 131 -5.97 -1.74 -19.62
CA GLY A 131 -6.98 -2.79 -19.51
C GLY A 131 -6.46 -4.17 -19.91
N SER A 132 -5.14 -4.29 -20.08
CA SER A 132 -4.52 -5.57 -20.45
C SER A 132 -4.13 -6.32 -19.19
N PRO A 133 -4.20 -7.66 -19.22
CA PRO A 133 -3.75 -8.41 -18.04
C PRO A 133 -2.31 -8.09 -17.71
N VAL A 134 -2.02 -7.99 -16.42
CA VAL A 134 -0.67 -7.78 -15.93
C VAL A 134 -0.42 -8.74 -14.77
N SER A 135 0.80 -9.23 -14.70
CA SER A 135 1.21 -10.11 -13.62
C SER A 135 2.60 -9.71 -13.18
N ILE A 136 2.72 -9.35 -11.92
CA ILE A 136 4.02 -8.95 -11.36
C ILE A 136 4.33 -9.77 -10.13
N GLU A 137 5.59 -10.08 -9.92
CA GLU A 137 5.96 -10.88 -8.76
C GLU A 137 7.38 -10.60 -8.32
N GLY A 138 7.70 -11.04 -7.12
CA GLY A 138 9.06 -10.95 -6.64
C GLY A 138 9.17 -11.49 -5.23
N THR A 139 10.34 -11.28 -4.64
CA THR A 139 10.61 -11.68 -3.26
C THR A 139 10.91 -10.45 -2.41
N GLY A 140 11.30 -10.67 -1.16
CA GLY A 140 11.83 -9.60 -0.32
C GLY A 140 10.98 -8.34 -0.36
N LEU A 141 11.62 -7.21 -0.66
CA LEU A 141 10.94 -5.91 -0.58
C LEU A 141 9.76 -5.82 -1.54
N PHE A 142 9.94 -6.32 -2.75
CA PHE A 142 8.87 -6.24 -3.75
C PHE A 142 7.66 -7.06 -3.28
N ALA A 143 7.93 -8.28 -2.79
CA ALA A 143 6.82 -9.10 -2.27
C ALA A 143 6.16 -8.44 -1.07
N ARG A 144 6.95 -7.79 -0.20
CA ARG A 144 6.40 -7.09 0.96
C ARG A 144 5.46 -5.96 0.49
N MET A 145 5.91 -5.21 -0.52
CA MET A 145 5.12 -4.12 -1.10
C MET A 145 3.78 -4.66 -1.63
N LEU A 146 3.83 -5.77 -2.37
CA LEU A 146 2.61 -6.33 -2.95
C LEU A 146 1.60 -6.70 -1.88
N GLN A 147 2.11 -7.32 -0.81
CA GLN A 147 1.24 -7.70 0.31
C GLN A 147 0.68 -6.48 1.03
N HIS A 148 1.53 -5.48 1.21
CA HIS A 148 1.15 -4.24 1.86
C HIS A 148 0.06 -3.49 1.09
N GLU A 149 0.22 -3.35 -0.22
CA GLU A 149 -0.80 -2.60 -0.99
C GLU A 149 -2.11 -3.35 -1.09
N THR A 150 -2.04 -4.65 -1.36
CA THR A 150 -3.27 -5.45 -1.37
C THR A 150 -3.95 -5.38 0.03
N GLY A 151 -3.14 -5.38 1.10
CA GLY A 151 -3.68 -5.18 2.45
C GLY A 151 -4.54 -3.93 2.56
N HIS A 152 -4.04 -2.82 2.05
CA HIS A 152 -4.80 -1.57 2.06
C HIS A 152 -6.13 -1.78 1.34
N LEU A 153 -6.04 -2.37 0.14
CA LEU A 153 -7.23 -2.49 -0.70
C LEU A 153 -8.28 -3.42 -0.09
N ASP A 154 -7.84 -4.29 0.82
CA ASP A 154 -8.73 -5.20 1.55
C ASP A 154 -9.23 -4.59 2.86
N GLY A 155 -8.77 -3.37 3.17
CA GLY A 155 -9.19 -2.69 4.40
C GLY A 155 -8.30 -2.88 5.63
N PHE A 156 -7.03 -3.22 5.41
CA PHE A 156 -6.07 -3.45 6.48
C PHE A 156 -4.85 -2.56 6.42
N LEU A 157 -4.26 -2.33 7.60
CA LEU A 157 -2.92 -1.73 7.70
C LEU A 157 -1.94 -2.79 8.15
N TYR A 158 -0.65 -2.54 7.95
CA TYR A 158 0.36 -3.50 8.38
C TYR A 158 0.29 -3.68 9.90
N LEU A 159 -0.20 -2.65 10.60
CA LEU A 159 -0.42 -2.71 12.05
C LEU A 159 -1.26 -3.93 12.47
N ASP A 160 -2.23 -4.28 11.61
CA ASP A 160 -3.12 -5.40 11.85
C ASP A 160 -2.41 -6.76 11.83
N ARG A 161 -1.19 -6.80 11.28
CA ARG A 161 -0.36 -8.01 11.19
C ARG A 161 0.65 -8.16 12.33
N LEU A 162 0.82 -7.11 13.11
CA LEU A 162 1.83 -7.11 14.17
C LEU A 162 1.44 -8.07 15.30
N ILE A 163 2.45 -8.66 15.92
CA ILE A 163 2.24 -9.60 17.03
C ILE A 163 3.15 -9.27 18.22
N GLY A 164 2.81 -9.84 19.39
CA GLY A 164 3.67 -9.73 20.58
C GLY A 164 4.18 -8.34 20.90
N ARG A 165 5.47 -8.27 21.20
CA ARG A 165 6.13 -7.01 21.59
C ARG A 165 6.02 -5.92 20.53
N TYR A 166 5.93 -6.32 19.26
CA TYR A 166 5.83 -5.38 18.14
C TYR A 166 4.47 -4.70 18.13
N ALA A 167 3.41 -5.50 18.28
CA ALA A 167 2.06 -4.97 18.38
C ALA A 167 1.91 -4.07 19.61
N ARG A 168 2.50 -4.49 20.73
CA ARG A 168 2.48 -3.69 21.95
C ARG A 168 3.12 -2.32 21.71
N ASN A 169 4.33 -2.32 21.19
CA ASN A 169 5.06 -1.08 20.89
C ASN A 169 4.24 -0.16 19.96
N ALA A 170 3.60 -0.74 18.95
CA ALA A 170 2.79 0.03 17.97
C ALA A 170 1.51 0.61 18.55
N LYS A 171 0.83 -0.18 19.37
CA LYS A 171 -0.42 0.27 19.99
C LYS A 171 -0.20 1.56 20.79
N ARG A 172 0.86 1.57 21.60
CA ARG A 172 1.17 2.76 22.40
C ARG A 172 1.51 3.96 21.52
N ALA A 173 2.26 3.71 20.45
CA ALA A 173 2.63 4.77 19.52
C ALA A 173 1.41 5.43 18.88
N VAL A 174 0.47 4.61 18.41
CA VAL A 174 -0.73 5.13 17.76
C VAL A 174 -1.54 5.97 18.75
N LYS A 175 -1.69 5.45 19.97
CA LYS A 175 -2.36 6.15 21.05
C LYS A 175 -1.70 7.50 21.33
N SER A 176 -0.37 7.50 21.41
CA SER A 176 0.34 8.70 21.82
C SER A 176 0.28 9.82 20.77
N HIS A 177 0.10 9.44 19.51
CA HIS A 177 -0.10 10.39 18.43
C HIS A 177 -1.52 10.98 18.44
N GLY A 178 -2.44 10.32 19.15
CA GLY A 178 -3.85 10.66 19.08
C GLY A 178 -4.45 10.24 17.74
N TRP A 179 -3.87 9.21 17.14
CA TRP A 179 -4.42 8.63 15.92
C TRP A 179 -5.53 7.62 16.23
N GLY A 180 -6.08 6.99 15.19
CA GLY A 180 -7.13 6.01 15.37
C GLY A 180 -8.51 6.64 15.47
N VAL A 181 -8.58 7.93 15.15
CA VAL A 181 -9.85 8.65 15.01
C VAL A 181 -9.97 9.18 13.57
N PRO A 182 -11.21 9.45 13.09
CA PRO A 182 -11.36 9.99 11.73
C PRO A 182 -10.83 11.41 11.50
N GLY A 183 -10.62 11.75 10.23
CA GLY A 183 -10.33 13.11 9.81
C GLY A 183 -8.88 13.58 9.78
N LEU A 184 -7.95 12.65 10.01
CA LEU A 184 -6.52 12.98 10.09
C LEU A 184 -5.86 12.69 8.76
N SER A 185 -4.94 13.56 8.37
CA SER A 185 -4.22 13.41 7.12
C SER A 185 -2.94 14.23 7.14
N TRP A 186 -2.06 13.98 6.18
CA TRP A 186 -0.91 14.85 5.92
C TRP A 186 -0.73 15.06 4.43
N LEU A 187 -0.07 16.14 4.06
CA LEU A 187 0.01 16.53 2.68
C LEU A 187 1.47 16.51 2.23
N PRO A 188 1.86 15.49 1.45
CA PRO A 188 3.23 15.44 0.92
C PRO A 188 3.58 16.70 0.10
N GLY A 189 4.80 17.19 0.25
CA GLY A 189 5.23 18.41 -0.42
C GLY A 189 4.85 19.68 0.32
N GLU A 190 3.88 19.59 1.24
CA GLU A 190 3.54 20.70 2.12
C GLU A 190 4.06 20.43 3.52
N ASP A 191 3.54 19.37 4.13
CA ASP A 191 4.04 18.89 5.42
C ASP A 191 5.44 18.29 5.25
N PRO A 192 6.28 18.36 6.30
CA PRO A 192 7.61 17.74 6.19
C PRO A 192 7.53 16.24 5.95
N ASP A 193 8.52 15.69 5.25
CA ASP A 193 8.58 14.25 5.03
C ASP A 193 8.71 13.56 6.38
N PRO A 194 7.76 12.66 6.72
CA PRO A 194 7.71 12.05 8.05
C PRO A 194 8.71 10.90 8.28
N PHE A 195 9.40 10.48 7.21
CA PHE A 195 10.36 9.39 7.30
C PHE A 195 11.83 9.82 7.13
N GLY A 196 12.06 11.12 7.29
CA GLY A 196 13.42 11.67 7.21
C GLY A 196 13.95 11.62 5.79
N HIS A 197 13.03 11.49 4.82
CA HIS A 197 13.41 11.36 3.41
C HIS A 197 13.24 12.70 2.68
#